data_2NW4
#
_entry.id   2NW4
#
_cell.length_a   55.640
_cell.length_b   65.620
_cell.length_c   70.830
_cell.angle_alpha   90.00
_cell.angle_beta   90.00
_cell.angle_gamma   90.00
#
_symmetry.space_group_name_H-M   'P 21 21 21'
#
loop_
_entity.id
_entity.type
_entity.pdbx_description
1 polymer 'Androgen receptor'
2 non-polymer 2-CHLORO-4-[(7R,7AS)-7-HYDROXY-1,3-DIOXOTETRAHYDRO-1H-PYRROLO[1,2-C]IMIDAZOL-2(3H)-YL]-3-METHYLBENZONITRILE
3 water water
#
_entity_poly.entity_id   1
_entity_poly.type   'polypeptide(L)'
_entity_poly.pdbx_seq_one_letter_code
;GSHMIEGYECQPIFLNVLEAIEPGVVCAGHDNNQPDSFAALLSSLNELGERQLVHVVKWAKALPGFRNLHVDDQMAVIQY
SWMGLMVFAMGWRSFTNVNSRMLYFAPDLVFNEYRMHKSRMYSQCVRMRHLSQEFGWLQITPQEFLCMKALLLFSIIPVD
GLKNQKFFDELRMNYIKELDRIIACKRKNPTSCSRRFYQLTKLLDSVQPIARELHQFTFDLLIKSHMVSVDFPEMMAEII
SVQVPKILSGKVKPIYFHTQ
;
_entity_poly.pdbx_strand_id   A
#
loop_
_chem_comp.id
_chem_comp.type
_chem_comp.name
_chem_comp.formula
8NH non-polymer 2-CHLORO-4-[(7R,7AS)-7-HYDROXY-1,3-DIOXOTETRAHYDRO-1H-PYRROLO[1,2-C]IMIDAZOL-2(3H)-YL]-3-METHYLBENZONITRILE 'C14 H12 Cl N3 O3'
#
# COMPACT_ATOMS: atom_id res chain seq x y z
N PRO A 12 24.08 -1.27 -7.25
CA PRO A 12 23.01 -1.71 -8.20
C PRO A 12 22.23 -0.55 -8.80
N ILE A 13 22.01 -0.60 -10.10
CA ILE A 13 21.29 0.45 -10.80
C ILE A 13 19.84 0.51 -10.35
N PHE A 14 19.13 -0.61 -10.49
CA PHE A 14 17.72 -0.71 -10.08
C PHE A 14 17.44 -0.15 -8.69
N LEU A 15 18.33 -0.39 -7.74
CA LEU A 15 18.14 0.09 -6.38
C LEU A 15 18.41 1.60 -6.27
N ASN A 16 19.34 2.12 -7.07
CA ASN A 16 19.62 3.56 -7.05
C ASN A 16 18.29 4.29 -7.20
N VAL A 17 17.59 4.01 -8.29
CA VAL A 17 16.31 4.62 -8.56
C VAL A 17 15.26 4.39 -7.47
N LEU A 18 15.04 3.14 -7.08
CA LEU A 18 14.03 2.90 -6.05
C LEU A 18 14.22 3.82 -4.84
N GLU A 19 15.44 3.90 -4.32
CA GLU A 19 15.69 4.77 -3.18
C GLU A 19 15.66 6.23 -3.58
N ALA A 20 16.10 6.50 -4.80
CA ALA A 20 16.14 7.84 -5.34
C ALA A 20 14.74 8.40 -5.53
N ILE A 21 13.75 7.53 -5.60
CA ILE A 21 12.38 7.98 -5.82
C ILE A 21 11.48 7.88 -4.59
N GLU A 22 11.91 7.13 -3.58
CA GLU A 22 11.12 6.95 -2.36
C GLU A 22 10.66 8.32 -1.88
N PRO A 23 9.34 8.54 -1.81
CA PRO A 23 8.71 9.80 -1.38
C PRO A 23 9.29 10.36 -0.10
N GLY A 24 8.74 11.49 0.32
CA GLY A 24 9.20 12.09 1.55
C GLY A 24 8.11 12.02 2.60
N VAL A 25 8.30 12.80 3.66
CA VAL A 25 7.34 12.83 4.76
C VAL A 25 6.09 13.54 4.34
N VAL A 26 5.02 12.81 4.13
CA VAL A 26 3.77 13.44 3.77
C VAL A 26 3.02 13.57 5.10
N CYS A 27 2.58 14.80 5.42
CA CYS A 27 1.85 15.02 6.66
C CYS A 27 0.35 14.98 6.35
N ALA A 28 -0.44 14.56 7.32
CA ALA A 28 -1.88 14.48 7.14
C ALA A 28 -2.55 15.84 7.37
N GLY A 29 -1.89 16.73 8.09
CA GLY A 29 -2.47 18.03 8.35
C GLY A 29 -3.66 17.86 9.27
N HIS A 30 -3.45 17.13 10.36
CA HIS A 30 -4.49 16.87 11.34
C HIS A 30 -4.41 17.94 12.44
N ASP A 31 -5.55 18.24 13.07
CA ASP A 31 -5.58 19.24 14.13
C ASP A 31 -5.53 18.56 15.50
N ASN A 32 -4.38 18.02 15.88
CA ASN A 32 -4.24 17.33 17.15
C ASN A 32 -4.82 18.06 18.37
N ASN A 33 -4.87 19.39 18.33
CA ASN A 33 -5.40 20.17 19.43
C ASN A 33 -6.86 19.78 19.72
N GLN A 34 -7.76 20.00 18.76
CA GLN A 34 -9.16 19.65 18.96
C GLN A 34 -9.24 18.18 19.36
N PRO A 35 -10.32 17.79 20.07
CA PRO A 35 -10.55 16.41 20.53
C PRO A 35 -10.40 15.31 19.47
N ASP A 36 -10.71 14.07 19.85
CA ASP A 36 -10.62 12.96 18.92
C ASP A 36 -11.94 12.33 18.52
N SER A 37 -12.67 13.01 17.65
CA SER A 37 -13.94 12.46 17.20
C SER A 37 -13.68 11.52 16.03
N PHE A 38 -14.62 10.61 15.79
CA PHE A 38 -14.52 9.66 14.68
C PHE A 38 -14.35 10.47 13.40
N ALA A 39 -15.28 11.40 13.15
CA ALA A 39 -15.21 12.24 11.97
C ALA A 39 -13.88 12.96 11.85
N ALA A 40 -13.43 13.56 12.95
CA ALA A 40 -12.16 14.28 12.95
C ALA A 40 -11.05 13.43 12.39
N LEU A 41 -11.01 12.18 12.81
CA LEU A 41 -9.99 11.24 12.38
C LEU A 41 -10.08 10.95 10.89
N LEU A 42 -11.18 10.34 10.45
CA LEU A 42 -11.35 9.99 9.04
C LEU A 42 -11.33 11.14 8.04
N SER A 43 -11.96 12.26 8.37
CA SER A 43 -11.89 13.40 7.46
C SER A 43 -10.42 13.72 7.20
N SER A 44 -9.55 13.41 8.17
CA SER A 44 -8.12 13.63 8.04
C SER A 44 -7.47 12.44 7.33
N LEU A 45 -7.80 11.22 7.75
CA LEU A 45 -7.25 10.04 7.09
C LEU A 45 -7.49 10.18 5.58
N ASN A 46 -8.72 10.51 5.21
CA ASN A 46 -9.12 10.70 3.82
C ASN A 46 -8.23 11.76 3.14
N GLU A 47 -7.96 12.84 3.86
CA GLU A 47 -7.12 13.93 3.36
C GLU A 47 -5.70 13.42 3.14
N LEU A 48 -5.30 12.48 3.99
CA LEU A 48 -3.98 11.89 3.88
C LEU A 48 -4.03 10.97 2.67
N GLY A 49 -5.15 10.28 2.51
CA GLY A 49 -5.29 9.40 1.36
C GLY A 49 -4.97 10.24 0.15
N GLU A 50 -5.72 11.31 -0.01
CA GLU A 50 -5.54 12.26 -1.10
C GLU A 50 -4.09 12.64 -1.32
N ARG A 51 -3.48 13.15 -0.25
CA ARG A 51 -2.09 13.58 -0.32
C ARG A 51 -1.17 12.44 -0.73
N GLN A 52 -1.31 11.31 -0.05
CA GLN A 52 -0.47 10.18 -0.39
C GLN A 52 -0.68 9.72 -1.82
N LEU A 53 -1.91 9.84 -2.31
CA LEU A 53 -2.21 9.44 -3.68
C LEU A 53 -1.33 10.14 -4.70
N VAL A 54 -1.24 11.45 -4.58
CA VAL A 54 -0.43 12.25 -5.50
C VAL A 54 1.00 11.76 -5.58
N HIS A 55 1.63 11.57 -4.43
CA HIS A 55 3.02 11.11 -4.37
C HIS A 55 3.16 9.72 -4.99
N VAL A 56 2.22 8.82 -4.71
CA VAL A 56 2.29 7.49 -5.28
C VAL A 56 2.29 7.60 -6.81
N VAL A 57 1.54 8.55 -7.35
CA VAL A 57 1.51 8.72 -8.78
C VAL A 57 2.87 9.12 -9.30
N LYS A 58 3.46 10.14 -8.70
CA LYS A 58 4.77 10.61 -9.11
C LYS A 58 5.84 9.56 -8.87
N TRP A 59 5.58 8.66 -7.92
CA TRP A 59 6.53 7.61 -7.58
C TRP A 59 6.46 6.52 -8.62
N ALA A 60 5.23 6.07 -8.88
CA ALA A 60 4.94 5.02 -9.83
C ALA A 60 5.37 5.40 -11.26
N LYS A 61 5.01 6.61 -11.68
CA LYS A 61 5.33 7.08 -13.01
C LYS A 61 6.84 7.11 -13.27
N ALA A 62 7.61 7.55 -12.27
CA ALA A 62 9.06 7.62 -12.39
C ALA A 62 9.75 6.31 -12.06
N LEU A 63 9.01 5.21 -12.11
CA LEU A 63 9.52 3.88 -11.80
C LEU A 63 10.22 3.31 -13.03
N PRO A 64 11.21 2.43 -12.81
CA PRO A 64 11.93 1.83 -13.94
C PRO A 64 11.04 1.06 -14.90
N GLY A 65 11.11 1.40 -16.18
CA GLY A 65 10.31 0.72 -17.18
C GLY A 65 8.81 0.79 -17.00
N PHE A 66 8.35 1.66 -16.11
CA PHE A 66 6.92 1.80 -15.85
C PHE A 66 6.13 2.30 -17.08
N ARG A 67 6.78 3.15 -17.88
CA ARG A 67 6.17 3.72 -19.08
C ARG A 67 5.96 2.76 -20.24
N ASN A 68 6.38 1.51 -20.09
CA ASN A 68 6.18 0.50 -21.13
C ASN A 68 4.71 0.11 -21.06
N LEU A 69 4.04 0.39 -19.95
CA LEU A 69 2.63 0.04 -19.80
C LEU A 69 1.82 0.92 -20.72
N HIS A 70 0.62 0.47 -21.05
CA HIS A 70 -0.28 1.23 -21.89
C HIS A 70 -0.73 2.44 -21.08
N VAL A 71 -0.96 3.56 -21.75
CA VAL A 71 -1.39 4.78 -21.10
C VAL A 71 -2.57 4.54 -20.18
N ASP A 72 -3.58 3.84 -20.71
CA ASP A 72 -4.80 3.51 -19.96
C ASP A 72 -4.61 2.35 -18.97
N ASP A 73 -3.36 2.00 -18.72
CA ASP A 73 -3.02 0.92 -17.78
C ASP A 73 -2.20 1.50 -16.65
N GLN A 74 -1.45 2.57 -16.95
CA GLN A 74 -0.63 3.21 -15.94
C GLN A 74 -1.51 3.73 -14.82
N MET A 75 -2.55 4.48 -15.18
CA MET A 75 -3.46 5.04 -14.20
C MET A 75 -4.21 3.97 -13.38
N ALA A 76 -4.73 2.96 -14.07
CA ALA A 76 -5.46 1.87 -13.42
C ALA A 76 -4.59 1.12 -12.42
N VAL A 77 -3.43 0.66 -12.88
CA VAL A 77 -2.49 -0.06 -12.03
C VAL A 77 -2.22 0.67 -10.72
N ILE A 78 -2.08 1.99 -10.79
CA ILE A 78 -1.81 2.83 -9.62
C ILE A 78 -3.02 3.00 -8.69
N GLN A 79 -4.19 3.23 -9.27
CA GLN A 79 -5.39 3.41 -8.48
C GLN A 79 -5.87 2.12 -7.83
N TYR A 80 -5.73 1.00 -8.54
CA TYR A 80 -6.14 -0.27 -7.96
C TYR A 80 -5.22 -0.58 -6.78
N SER A 81 -3.94 -0.25 -6.96
CA SER A 81 -2.94 -0.53 -5.94
C SER A 81 -2.60 0.56 -4.94
N TRP A 82 -3.36 1.64 -4.85
CA TRP A 82 -2.91 2.65 -3.91
C TRP A 82 -3.14 2.35 -2.43
N MET A 83 -4.26 1.75 -2.07
CA MET A 83 -4.54 1.41 -0.67
C MET A 83 -3.41 0.50 -0.20
N GLY A 84 -3.24 -0.63 -0.87
CA GLY A 84 -2.19 -1.55 -0.50
C GLY A 84 -0.83 -0.88 -0.35
N LEU A 85 -0.47 -0.04 -1.33
CA LEU A 85 0.79 0.68 -1.31
C LEU A 85 0.81 1.58 -0.08
N MET A 86 -0.24 2.37 0.11
CA MET A 86 -0.30 3.25 1.28
C MET A 86 -0.15 2.43 2.56
N VAL A 87 -0.77 1.25 2.57
CA VAL A 87 -0.70 0.37 3.71
C VAL A 87 0.71 -0.14 3.93
N PHE A 88 1.33 -0.64 2.87
CA PHE A 88 2.67 -1.19 2.95
C PHE A 88 3.63 -0.17 3.55
N ALA A 89 3.86 0.92 2.84
CA ALA A 89 4.77 1.93 3.34
C ALA A 89 4.41 2.35 4.76
N MET A 90 3.12 2.63 5.00
CA MET A 90 2.67 3.04 6.32
C MET A 90 3.13 2.04 7.36
N GLY A 91 3.00 0.76 7.06
CA GLY A 91 3.42 -0.26 8.00
C GLY A 91 4.90 -0.09 8.30
N TRP A 92 5.68 0.20 7.26
CA TRP A 92 7.12 0.40 7.39
C TRP A 92 7.48 1.65 8.20
N ARG A 93 6.75 2.75 8.00
CA ARG A 93 7.03 3.95 8.78
C ARG A 93 6.82 3.62 10.23
N SER A 94 5.70 2.97 10.52
CA SER A 94 5.37 2.55 11.86
C SER A 94 6.52 1.76 12.48
N PHE A 95 6.96 0.75 11.74
CA PHE A 95 8.05 -0.10 12.18
C PHE A 95 9.31 0.68 12.55
N THR A 96 9.92 1.36 11.57
CA THR A 96 11.13 2.12 11.79
C THR A 96 10.94 3.21 12.83
N ASN A 97 9.80 3.89 12.80
CA ASN A 97 9.55 4.95 13.76
C ASN A 97 9.15 4.43 15.12
N VAL A 98 7.86 4.38 15.40
CA VAL A 98 7.35 3.92 16.70
C VAL A 98 7.61 2.45 17.02
N ASN A 99 8.43 1.80 16.20
CA ASN A 99 8.76 0.40 16.36
C ASN A 99 7.50 -0.46 16.50
N SER A 100 6.61 -0.35 15.51
CA SER A 100 5.37 -1.14 15.49
C SER A 100 4.55 -1.09 16.77
N ARG A 101 4.76 -0.05 17.59
CA ARG A 101 4.00 0.09 18.81
C ARG A 101 2.63 0.72 18.53
N MET A 102 2.60 1.69 17.61
CA MET A 102 1.39 2.39 17.17
C MET A 102 1.49 2.58 15.66
N LEU A 103 0.43 3.09 15.03
CA LEU A 103 0.43 3.31 13.57
C LEU A 103 0.80 4.75 13.20
N TYR A 104 1.98 4.88 12.61
CA TYR A 104 2.53 6.18 12.19
C TYR A 104 2.01 6.57 10.80
N PHE A 105 0.76 6.99 10.72
CA PHE A 105 0.21 7.40 9.44
C PHE A 105 1.03 8.54 8.89
N ALA A 106 1.22 9.58 9.69
CA ALA A 106 2.01 10.73 9.32
C ALA A 106 2.57 11.25 10.62
N PRO A 107 3.48 12.24 10.56
CA PRO A 107 4.02 12.75 11.82
C PRO A 107 2.89 13.33 12.67
N ASP A 108 1.92 13.98 12.02
CA ASP A 108 0.79 14.56 12.74
C ASP A 108 -0.39 13.63 12.92
N LEU A 109 -0.34 12.44 12.34
CA LEU A 109 -1.45 11.53 12.51
C LEU A 109 -0.91 10.16 12.88
N VAL A 110 -0.55 10.03 14.16
CA VAL A 110 -0.01 8.81 14.73
C VAL A 110 -1.13 8.19 15.55
N PHE A 111 -1.35 6.89 15.39
CA PHE A 111 -2.46 6.23 16.07
C PHE A 111 -2.20 5.48 17.35
N ASN A 112 -2.74 6.00 18.45
CA ASN A 112 -2.63 5.34 19.74
C ASN A 112 -3.83 4.40 19.85
N GLU A 113 -3.85 3.49 20.83
CA GLU A 113 -4.97 2.54 20.96
C GLU A 113 -6.31 3.23 20.95
N TYR A 114 -6.36 4.40 21.58
CA TYR A 114 -7.59 5.18 21.64
C TYR A 114 -8.08 5.46 20.22
N ARG A 115 -7.22 6.08 19.41
CA ARG A 115 -7.55 6.40 18.01
C ARG A 115 -7.95 5.15 17.22
N MET A 116 -7.27 4.03 17.46
CA MET A 116 -7.61 2.79 16.76
C MET A 116 -9.09 2.44 16.98
N HIS A 117 -9.60 2.73 18.18
CA HIS A 117 -10.97 2.47 18.51
C HIS A 117 -11.95 3.60 18.06
N LYS A 118 -11.49 4.85 18.14
CA LYS A 118 -12.30 6.02 17.76
C LYS A 118 -12.50 6.19 16.26
N SER A 119 -11.59 5.62 15.48
CA SER A 119 -11.65 5.65 14.03
C SER A 119 -12.68 4.63 13.56
N ARG A 120 -13.02 3.70 14.45
CA ARG A 120 -13.96 2.65 14.16
C ARG A 120 -13.29 1.58 13.29
N MET A 121 -12.00 1.77 13.03
CA MET A 121 -11.24 0.85 12.22
C MET A 121 -10.38 -0.04 13.11
N TYR A 122 -10.70 -0.09 14.39
CA TYR A 122 -9.94 -0.93 15.30
C TYR A 122 -10.26 -2.32 14.78
N SER A 123 -9.20 -3.10 14.53
CA SER A 123 -9.29 -4.47 13.99
C SER A 123 -8.54 -4.42 12.67
N GLN A 124 -9.03 -3.59 11.75
CA GLN A 124 -8.38 -3.41 10.47
C GLN A 124 -7.02 -2.83 10.86
N CYS A 125 -7.03 -1.97 11.88
CA CYS A 125 -5.81 -1.36 12.42
C CYS A 125 -5.00 -2.45 13.10
N VAL A 126 -5.65 -3.36 13.80
CA VAL A 126 -4.92 -4.46 14.45
C VAL A 126 -4.16 -5.13 13.34
N ARG A 127 -4.83 -5.37 12.22
CA ARG A 127 -4.21 -5.98 11.05
C ARG A 127 -3.02 -5.18 10.53
N MET A 128 -3.23 -3.91 10.28
CA MET A 128 -2.17 -3.04 9.77
C MET A 128 -0.96 -3.03 10.70
N ARG A 129 -1.21 -2.98 12.00
CA ARG A 129 -0.14 -2.99 12.99
C ARG A 129 0.54 -4.37 12.99
N HIS A 130 -0.24 -5.40 12.70
CA HIS A 130 0.25 -6.77 12.66
C HIS A 130 1.29 -6.90 11.56
N LEU A 131 0.93 -6.40 10.37
CA LEU A 131 1.81 -6.39 9.22
C LEU A 131 3.06 -5.60 9.53
N SER A 132 2.89 -4.47 10.22
CA SER A 132 4.01 -3.64 10.61
C SER A 132 5.03 -4.41 11.45
N GLN A 133 4.52 -5.32 12.31
CA GLN A 133 5.39 -6.12 13.16
C GLN A 133 6.20 -7.15 12.40
N GLU A 134 5.69 -7.58 11.26
CA GLU A 134 6.41 -8.56 10.45
C GLU A 134 7.72 -7.96 9.93
N PHE A 135 7.74 -6.67 9.63
CA PHE A 135 8.99 -6.10 9.16
C PHE A 135 10.04 -6.40 10.20
N GLY A 136 9.66 -6.28 11.48
CA GLY A 136 10.57 -6.56 12.56
C GLY A 136 10.82 -8.04 12.72
N TRP A 137 9.75 -8.79 12.99
CA TRP A 137 9.80 -10.24 13.16
C TRP A 137 10.65 -10.90 12.09
N LEU A 138 10.33 -10.59 10.83
CA LEU A 138 11.02 -11.14 9.67
C LEU A 138 12.34 -10.45 9.35
N GLN A 139 12.63 -9.35 10.06
CA GLN A 139 13.86 -8.60 9.83
C GLN A 139 13.98 -8.12 8.41
N ILE A 140 12.89 -7.57 7.89
CA ILE A 140 12.87 -7.05 6.53
C ILE A 140 13.92 -5.95 6.39
N THR A 141 14.57 -5.95 5.24
CA THR A 141 15.62 -5.00 4.90
C THR A 141 15.09 -3.80 4.12
N PRO A 142 15.69 -2.62 4.30
CA PRO A 142 15.22 -1.45 3.56
C PRO A 142 15.22 -1.76 2.05
N GLN A 143 16.22 -2.50 1.61
CA GLN A 143 16.35 -2.87 0.21
C GLN A 143 15.24 -3.86 -0.17
N GLU A 144 14.85 -4.71 0.78
CA GLU A 144 13.80 -5.69 0.54
C GLU A 144 12.47 -4.95 0.54
N PHE A 145 12.32 -3.99 1.45
CA PHE A 145 11.12 -3.18 1.53
C PHE A 145 10.87 -2.47 0.21
N LEU A 146 11.84 -1.68 -0.22
CA LEU A 146 11.72 -0.95 -1.47
C LEU A 146 11.33 -1.86 -2.62
N CYS A 147 11.99 -3.00 -2.74
CA CYS A 147 11.67 -3.95 -3.82
C CYS A 147 10.25 -4.51 -3.71
N MET A 148 9.85 -4.83 -2.50
CA MET A 148 8.53 -5.35 -2.30
C MET A 148 7.51 -4.27 -2.65
N LYS A 149 7.70 -3.07 -2.13
CA LYS A 149 6.77 -1.98 -2.40
C LYS A 149 6.53 -1.85 -3.91
N ALA A 150 7.62 -1.77 -4.68
CA ALA A 150 7.54 -1.65 -6.14
C ALA A 150 6.70 -2.77 -6.73
N LEU A 151 7.12 -4.02 -6.50
CA LEU A 151 6.39 -5.17 -7.01
C LEU A 151 4.91 -5.02 -6.64
N LEU A 152 4.65 -4.63 -5.39
CA LEU A 152 3.30 -4.42 -4.89
C LEU A 152 2.40 -3.73 -5.91
N LEU A 153 2.93 -2.69 -6.57
CA LEU A 153 2.19 -1.93 -7.59
C LEU A 153 1.65 -2.83 -8.71
N PHE A 154 2.47 -3.80 -9.13
CA PHE A 154 2.12 -4.72 -10.20
C PHE A 154 1.45 -5.97 -9.65
N SER A 155 0.75 -5.83 -8.51
CA SER A 155 0.10 -6.96 -7.87
C SER A 155 -1.42 -7.05 -7.95
N ILE A 156 -2.05 -6.31 -8.85
CA ILE A 156 -3.50 -6.41 -8.97
C ILE A 156 -3.98 -5.92 -10.34
N ILE A 157 -4.73 -6.79 -11.02
CA ILE A 157 -5.22 -6.51 -12.37
C ILE A 157 -6.60 -7.09 -12.70
N PRO A 158 -7.30 -6.52 -13.70
CA PRO A 158 -8.62 -7.00 -14.08
C PRO A 158 -8.53 -8.41 -14.62
N VAL A 159 -9.57 -9.22 -14.33
CA VAL A 159 -9.61 -10.60 -14.77
C VAL A 159 -9.55 -10.72 -16.30
N ASP A 160 -10.12 -9.76 -17.01
CA ASP A 160 -10.09 -9.79 -18.48
C ASP A 160 -8.81 -9.19 -19.02
N GLY A 161 -7.80 -9.06 -18.16
CA GLY A 161 -6.52 -8.51 -18.57
C GLY A 161 -6.58 -7.04 -18.90
N LEU A 162 -5.43 -6.39 -18.94
CA LEU A 162 -5.34 -4.96 -19.24
C LEU A 162 -5.36 -4.71 -20.76
N LYS A 163 -5.12 -3.46 -21.15
CA LYS A 163 -5.08 -3.12 -22.56
C LYS A 163 -3.92 -3.83 -23.22
N ASN A 164 -2.78 -3.86 -22.53
CA ASN A 164 -1.60 -4.53 -23.07
C ASN A 164 -0.99 -5.38 -21.97
N GLN A 165 -1.68 -6.47 -21.66
CA GLN A 165 -1.26 -7.42 -20.63
C GLN A 165 0.21 -7.82 -20.77
N LYS A 166 0.60 -8.17 -21.99
CA LYS A 166 1.96 -8.62 -22.26
C LYS A 166 3.06 -7.72 -21.70
N PHE A 167 2.87 -6.41 -21.80
CA PHE A 167 3.84 -5.47 -21.25
C PHE A 167 3.77 -5.58 -19.73
N PHE A 168 2.54 -5.55 -19.19
CA PHE A 168 2.34 -5.65 -17.75
C PHE A 168 3.06 -6.81 -17.11
N ASP A 169 2.80 -8.02 -17.59
CA ASP A 169 3.41 -9.22 -17.04
C ASP A 169 4.90 -9.22 -17.19
N GLU A 170 5.37 -8.75 -18.34
CA GLU A 170 6.81 -8.67 -18.61
C GLU A 170 7.41 -7.77 -17.55
N LEU A 171 6.72 -6.67 -17.28
CA LEU A 171 7.18 -5.72 -16.29
C LEU A 171 7.17 -6.34 -14.89
N ARG A 172 6.14 -7.11 -14.59
CA ARG A 172 5.99 -7.77 -13.30
C ARG A 172 7.00 -8.91 -13.09
N MET A 173 7.49 -9.46 -14.19
CA MET A 173 8.46 -10.53 -14.13
C MET A 173 9.81 -9.95 -13.73
N ASN A 174 10.16 -8.82 -14.34
CA ASN A 174 11.41 -8.13 -14.07
C ASN A 174 11.48 -7.65 -12.63
N TYR A 175 10.32 -7.43 -12.04
CA TYR A 175 10.29 -6.99 -10.66
C TYR A 175 10.43 -8.13 -9.68
N ILE A 176 9.79 -9.25 -9.99
CA ILE A 176 9.89 -10.42 -9.13
C ILE A 176 11.35 -10.85 -9.08
N LYS A 177 12.08 -10.64 -10.17
CA LYS A 177 13.47 -11.04 -10.20
C LYS A 177 14.40 -10.08 -9.48
N GLU A 178 14.05 -8.81 -9.44
CA GLU A 178 14.87 -7.84 -8.73
C GLU A 178 14.75 -8.18 -7.25
N LEU A 179 13.57 -8.64 -6.84
CA LEU A 179 13.33 -9.02 -5.45
C LEU A 179 14.19 -10.22 -5.08
N ASP A 180 14.22 -11.22 -5.96
CA ASP A 180 14.99 -12.41 -5.71
C ASP A 180 16.47 -12.11 -5.79
N ARG A 181 16.85 -11.13 -6.60
CA ARG A 181 18.27 -10.78 -6.71
C ARG A 181 18.76 -10.15 -5.42
N ILE A 182 17.88 -9.46 -4.69
CA ILE A 182 18.27 -8.83 -3.44
C ILE A 182 18.25 -9.80 -2.27
N ILE A 183 17.18 -10.59 -2.16
CA ILE A 183 17.08 -11.55 -1.07
C ILE A 183 18.25 -12.54 -1.14
N ALA A 184 18.79 -12.75 -2.34
CA ALA A 184 19.90 -13.67 -2.56
C ALA A 184 21.17 -12.90 -2.86
N CYS A 185 22.14 -12.96 -1.93
CA CYS A 185 23.41 -12.27 -2.08
C CYS A 185 24.17 -12.21 -0.73
N LYS A 186 24.09 -13.30 0.03
CA LYS A 186 24.76 -13.37 1.32
C LYS A 186 24.90 -14.83 1.79
N ARG A 187 24.65 -15.08 3.08
CA ARG A 187 24.76 -16.41 3.66
C ARG A 187 23.61 -17.36 3.27
N LYS A 188 22.79 -16.93 2.31
CA LYS A 188 21.68 -17.73 1.84
C LYS A 188 22.20 -18.80 0.89
N ASN A 189 21.49 -19.91 0.83
CA ASN A 189 21.86 -21.04 -0.05
C ASN A 189 20.88 -22.19 0.13
N PRO A 190 20.15 -22.53 -0.93
CA PRO A 190 19.18 -23.62 -0.91
C PRO A 190 18.03 -23.37 0.08
N THR A 191 18.04 -24.08 1.20
CA THR A 191 17.00 -23.93 2.21
C THR A 191 16.87 -22.49 2.74
N SER A 192 17.99 -21.77 2.75
CA SER A 192 17.99 -20.38 3.24
C SER A 192 17.38 -19.41 2.23
N CYS A 193 17.62 -19.63 0.95
CA CYS A 193 17.08 -18.77 -0.10
C CYS A 193 15.62 -19.15 -0.38
N SER A 194 15.34 -20.43 -0.40
CA SER A 194 14.00 -20.93 -0.66
C SER A 194 13.16 -20.97 0.61
N ARG A 195 13.43 -20.02 1.51
CA ARG A 195 12.67 -19.92 2.75
C ARG A 195 12.32 -18.45 2.92
N ARG A 196 13.28 -17.58 2.65
CA ARG A 196 13.03 -16.15 2.78
C ARG A 196 12.16 -15.65 1.65
N PHE A 197 12.22 -16.33 0.51
CA PHE A 197 11.40 -15.93 -0.62
C PHE A 197 9.95 -16.27 -0.34
N TYR A 198 9.74 -17.40 0.32
CA TYR A 198 8.41 -17.86 0.66
C TYR A 198 7.75 -16.84 1.57
N GLN A 199 8.48 -16.40 2.58
CA GLN A 199 7.97 -15.43 3.56
C GLN A 199 7.79 -14.06 2.97
N LEU A 200 8.77 -13.58 2.23
CA LEU A 200 8.65 -12.25 1.65
C LEU A 200 7.44 -12.22 0.74
N THR A 201 7.27 -13.25 -0.07
CA THR A 201 6.12 -13.32 -0.96
C THR A 201 4.86 -13.61 -0.13
N LYS A 202 5.06 -14.25 1.02
CA LYS A 202 3.96 -14.55 1.92
C LYS A 202 3.53 -13.25 2.61
N LEU A 203 4.48 -12.34 2.82
CA LEU A 203 4.24 -11.04 3.45
C LEU A 203 3.50 -10.13 2.47
N LEU A 204 3.87 -10.17 1.20
CA LEU A 204 3.19 -9.35 0.18
C LEU A 204 1.72 -9.77 0.06
N ASP A 205 1.47 -11.08 -0.01
CA ASP A 205 0.10 -11.56 -0.10
C ASP A 205 -0.80 -11.03 1.01
N SER A 206 -0.24 -10.91 2.21
CA SER A 206 -0.99 -10.44 3.37
C SER A 206 -1.51 -9.02 3.22
N VAL A 207 -0.76 -8.16 2.54
CA VAL A 207 -1.24 -6.79 2.40
C VAL A 207 -2.57 -6.79 1.65
N GLN A 208 -2.75 -7.73 0.74
CA GLN A 208 -4.00 -7.79 -0.03
C GLN A 208 -5.29 -7.88 0.78
N PRO A 209 -5.39 -8.85 1.71
CA PRO A 209 -6.60 -8.98 2.53
C PRO A 209 -6.91 -7.69 3.27
N ILE A 210 -5.87 -7.08 3.82
CA ILE A 210 -6.00 -5.83 4.56
C ILE A 210 -6.53 -4.73 3.66
N ALA A 211 -5.95 -4.60 2.46
CA ALA A 211 -6.40 -3.57 1.54
C ALA A 211 -7.87 -3.79 1.18
N ARG A 212 -8.25 -5.05 1.01
CA ARG A 212 -9.63 -5.38 0.67
C ARG A 212 -10.55 -4.87 1.77
N GLU A 213 -10.22 -5.17 3.02
CA GLU A 213 -11.06 -4.73 4.12
C GLU A 213 -11.06 -3.21 4.26
N LEU A 214 -9.97 -2.58 3.86
CA LEU A 214 -9.89 -1.13 3.92
C LEU A 214 -10.73 -0.54 2.81
N HIS A 215 -10.72 -1.24 1.66
CA HIS A 215 -11.48 -0.79 0.51
C HIS A 215 -12.93 -0.70 0.94
N GLN A 216 -13.48 -1.83 1.37
CA GLN A 216 -14.86 -1.90 1.83
C GLN A 216 -15.17 -0.82 2.85
N PHE A 217 -14.33 -0.67 3.86
CA PHE A 217 -14.60 0.35 4.87
C PHE A 217 -14.75 1.71 4.24
N THR A 218 -13.75 2.10 3.47
CA THR A 218 -13.77 3.40 2.82
C THR A 218 -14.99 3.57 1.91
N PHE A 219 -15.26 2.57 1.09
CA PHE A 219 -16.38 2.58 0.17
C PHE A 219 -17.73 2.81 0.88
N ASP A 220 -17.99 2.04 1.92
CA ASP A 220 -19.23 2.22 2.65
C ASP A 220 -19.21 3.62 3.25
N LEU A 221 -18.05 4.01 3.76
CA LEU A 221 -17.87 5.32 4.37
C LEU A 221 -18.22 6.46 3.42
N LEU A 222 -17.92 6.29 2.13
CA LEU A 222 -18.22 7.32 1.15
C LEU A 222 -19.71 7.43 0.86
N ILE A 223 -20.41 6.30 0.88
CA ILE A 223 -21.84 6.31 0.61
C ILE A 223 -22.56 7.05 1.73
N LYS A 224 -22.33 6.63 2.98
CA LYS A 224 -22.98 7.28 4.11
C LYS A 224 -22.30 8.59 4.47
N SER A 225 -21.24 8.91 3.73
CA SER A 225 -20.43 10.11 3.90
C SER A 225 -21.10 11.24 4.67
N HIS A 226 -22.22 11.73 4.15
CA HIS A 226 -22.96 12.84 4.79
C HIS A 226 -23.59 12.45 6.12
N MET A 227 -24.26 11.31 6.16
CA MET A 227 -24.90 10.85 7.39
C MET A 227 -23.96 10.97 8.60
N VAL A 228 -22.65 10.83 8.36
CA VAL A 228 -21.65 10.90 9.42
C VAL A 228 -20.69 12.09 9.35
N SER A 229 -20.90 12.97 8.38
CA SER A 229 -20.08 14.16 8.20
C SER A 229 -18.58 13.91 8.04
N VAL A 230 -18.22 12.94 7.21
CA VAL A 230 -16.82 12.61 6.95
C VAL A 230 -16.41 13.20 5.62
N ASP A 231 -15.27 13.91 5.61
CA ASP A 231 -14.76 14.58 4.41
C ASP A 231 -14.06 13.72 3.36
N PHE A 232 -14.49 13.88 2.11
CA PHE A 232 -13.91 13.14 0.99
C PHE A 232 -13.45 14.08 -0.11
N PRO A 233 -12.15 14.05 -0.44
CA PRO A 233 -11.60 14.91 -1.50
C PRO A 233 -12.07 14.45 -2.88
N GLU A 234 -12.12 15.39 -3.84
CA GLU A 234 -12.53 15.08 -5.20
C GLU A 234 -11.81 13.85 -5.71
N MET A 235 -10.48 13.92 -5.70
CA MET A 235 -9.62 12.84 -6.17
C MET A 235 -9.96 11.48 -5.56
N MET A 236 -9.82 11.37 -4.25
CA MET A 236 -10.09 10.14 -3.53
C MET A 236 -11.49 9.55 -3.78
N ALA A 237 -12.52 10.37 -3.63
CA ALA A 237 -13.90 9.93 -3.84
C ALA A 237 -14.14 9.27 -5.18
N GLU A 238 -13.55 9.81 -6.25
CA GLU A 238 -13.72 9.23 -7.58
C GLU A 238 -13.25 7.79 -7.59
N ILE A 239 -11.99 7.58 -7.24
CA ILE A 239 -11.39 6.27 -7.19
C ILE A 239 -12.28 5.31 -6.41
N ILE A 240 -12.71 5.75 -5.24
CA ILE A 240 -13.56 4.94 -4.36
C ILE A 240 -14.92 4.61 -4.92
N SER A 241 -15.33 5.35 -5.93
CA SER A 241 -16.63 5.13 -6.56
C SER A 241 -16.51 4.47 -7.94
N VAL A 242 -15.34 4.56 -8.54
CA VAL A 242 -15.16 4.02 -9.88
C VAL A 242 -14.19 2.83 -9.98
N GLN A 243 -13.03 2.93 -9.34
CA GLN A 243 -12.10 1.82 -9.41
C GLN A 243 -12.33 0.81 -8.30
N VAL A 244 -12.59 1.30 -7.09
CA VAL A 244 -12.84 0.41 -5.96
C VAL A 244 -14.04 -0.52 -6.18
N PRO A 245 -15.17 0.02 -6.68
CA PRO A 245 -16.31 -0.87 -6.89
C PRO A 245 -15.86 -2.03 -7.79
N LYS A 246 -15.08 -1.71 -8.81
CA LYS A 246 -14.58 -2.73 -9.72
C LYS A 246 -13.80 -3.83 -9.01
N ILE A 247 -13.08 -3.48 -7.94
CA ILE A 247 -12.33 -4.49 -7.21
C ILE A 247 -13.30 -5.36 -6.43
N LEU A 248 -14.11 -4.73 -5.59
CA LEU A 248 -15.08 -5.43 -4.76
C LEU A 248 -16.01 -6.36 -5.54
N SER A 249 -16.60 -5.88 -6.62
CA SER A 249 -17.49 -6.72 -7.42
C SER A 249 -16.76 -7.96 -7.98
N GLY A 250 -15.46 -7.86 -8.19
CA GLY A 250 -14.73 -9.00 -8.71
C GLY A 250 -14.05 -8.74 -10.05
N LYS A 251 -14.39 -7.63 -10.68
CA LYS A 251 -13.83 -7.29 -11.97
C LYS A 251 -12.31 -7.32 -11.95
N VAL A 252 -11.73 -6.73 -10.92
CA VAL A 252 -10.29 -6.74 -10.78
C VAL A 252 -10.00 -7.49 -9.50
N LYS A 253 -9.00 -8.36 -9.56
CA LYS A 253 -8.61 -9.19 -8.42
C LYS A 253 -7.11 -9.13 -8.18
N PRO A 254 -6.69 -9.29 -6.92
CA PRO A 254 -5.25 -9.25 -6.65
C PRO A 254 -4.51 -10.44 -7.25
N ILE A 255 -3.17 -10.39 -7.20
CA ILE A 255 -2.32 -11.44 -7.71
C ILE A 255 -1.55 -12.03 -6.54
N TYR A 256 -1.90 -13.25 -6.14
CA TYR A 256 -1.22 -13.89 -5.04
C TYR A 256 -0.20 -14.91 -5.50
N PHE A 257 0.98 -14.85 -4.91
CA PHE A 257 2.03 -15.79 -5.22
C PHE A 257 1.60 -17.16 -4.72
N HIS A 258 0.88 -17.16 -3.61
CA HIS A 258 0.44 -18.38 -2.97
C HIS A 258 -1.04 -18.71 -3.01
N THR A 259 -1.32 -19.97 -2.70
CA THR A 259 -2.67 -20.55 -2.68
C THR A 259 -3.40 -20.35 -4.02
CL1 8NH B . -1.80 3.91 5.31
C2 8NH B . -3.10 5.10 4.88
C3 8NH B . -4.44 4.68 4.84
C4 8NH B . -5.45 5.63 4.62
C5 8NH B . -5.17 6.98 4.38
C7 8NH B . -3.85 7.37 4.31
C9 8NH B . -2.81 6.47 4.62
C10 8NH B . -1.52 7.05 4.77
N11 8NH B . -0.51 7.56 4.99
N12 8NH B . -6.74 5.29 4.61
C13 8NH B . -7.49 4.97 5.69
N14 8NH B . -8.70 4.60 5.28
C15 8NH B . -8.88 4.83 3.87
C17 8NH B . -9.83 6.00 3.98
C19 8NH B . -10.73 5.67 5.19
C22 8NH B . -9.91 4.69 6.03
O25 8NH B . -8.98 7.11 4.27
C27 8NH B . -7.50 5.43 3.52
O28 8NH B . -7.19 5.96 2.46
O29 8NH B . -7.12 5.04 6.86
C30 8NH B . -4.81 3.25 5.00
#